data_3PPP
#
_entry.id   3PPP
#
_cell.length_a   61.821
_cell.length_b   91.782
_cell.length_c   115.334
_cell.angle_alpha   90.00
_cell.angle_beta   90.00
_cell.angle_gamma   90.00
#
_symmetry.space_group_name_H-M   'P 2 21 21'
#
loop_
_entity.id
_entity.type
_entity.pdbx_description
1 polymer 'Glycine betaine/carnitine/choline-binding protein'
2 non-polymer 'TRIMETHYL GLYCINE'
3 water water
#
_entity_poly.entity_id   1
_entity_poly.type   'polypeptide(L)'
_entity_poly.pdbx_seq_one_letter_code
;MGHHHHHHMTKIKWLGAFALVFVMLLGGCSLPGLGGASDDTIKIGAQSMTESEIVANMIAQLIEHDTDLNTALVKNLGSN
YVQHQAMLGGDIDISATRYSGTDLTSTLGKEAEKDPKKALNIVQNEFQKRFSYKWFDSYGFDNTYAFTVTKKFAEKEHIN
TVSDLKKNASQYKLGVDNAWLKRKGDGYKGFVSTYGFEFGTTYPMQIGLVYDAVKNGKMDAVLAYSTDGRIKAYDLKILK
DDKRFFPPYDCSPVIPEKVLKEHPELEGVINKLIGQIDTETMQELNYEVDGKLKEPSVVAKEFLEKHHYFD
;
_entity_poly.pdbx_strand_id   A,B
#
loop_
_chem_comp.id
_chem_comp.type
_chem_comp.name
_chem_comp.formula
BET non-polymer 'TRIMETHYL GLYCINE' 'C5 H12 N O2 1'
#
# COMPACT_ATOMS: atom_id res chain seq x y z
N ASP A 40 16.65 10.69 39.70
CA ASP A 40 16.29 11.60 38.55
C ASP A 40 17.07 11.30 37.26
N THR A 41 17.42 10.02 37.04
CA THR A 41 18.07 9.54 35.78
C THR A 41 17.04 8.82 34.86
N ILE A 42 16.70 9.43 33.72
CA ILE A 42 15.73 8.87 32.79
C ILE A 42 16.43 7.84 31.90
N LYS A 43 15.91 6.61 31.88
CA LYS A 43 16.59 5.49 31.24
C LYS A 43 16.00 5.25 29.86
N ILE A 44 16.83 5.45 28.83
CA ILE A 44 16.34 5.49 27.44
C ILE A 44 16.77 4.25 26.67
N GLY A 45 15.79 3.48 26.22
CA GLY A 45 16.03 2.20 25.58
C GLY A 45 16.30 2.39 24.09
N ALA A 46 17.36 1.72 23.61
CA ALA A 46 17.64 1.60 22.21
C ALA A 46 17.69 0.17 21.75
N GLN A 47 16.97 -0.09 20.66
CA GLN A 47 16.95 -1.41 20.06
C GLN A 47 18.22 -1.49 19.25
N SER A 48 18.60 -2.70 18.87
CA SER A 48 19.84 -2.85 18.15
C SER A 48 19.66 -2.49 16.69
N MET A 49 19.37 -1.21 16.44
CA MET A 49 19.39 -0.70 15.11
C MET A 49 20.06 0.60 15.24
N THR A 50 20.89 0.92 14.27
CA THR A 50 21.44 2.28 14.15
C THR A 50 20.42 3.35 14.47
N GLU A 51 19.28 3.29 13.81
CA GLU A 51 18.18 4.26 13.99
C GLU A 51 17.77 4.45 15.46
N SER A 52 17.56 3.35 16.19
CA SER A 52 17.14 3.44 17.57
C SER A 52 18.24 4.13 18.38
N GLU A 53 19.50 3.86 18.04
CA GLU A 53 20.61 4.52 18.74
C GLU A 53 20.72 6.02 18.50
N ILE A 54 20.61 6.43 17.23
CA ILE A 54 20.61 7.87 16.92
C ILE A 54 19.50 8.56 17.69
N VAL A 55 18.28 8.04 17.59
CA VAL A 55 17.11 8.67 18.22
C VAL A 55 17.18 8.65 19.76
N ALA A 56 17.72 7.59 20.33
CA ALA A 56 17.87 7.47 21.79
C ALA A 56 18.87 8.52 22.32
N ASN A 57 19.95 8.74 21.59
CA ASN A 57 20.90 9.79 21.97
C ASN A 57 20.28 11.18 21.79
N MET A 58 19.51 11.36 20.73
CA MET A 58 18.83 12.65 20.48
C MET A 58 17.88 12.94 21.65
N ILE A 59 17.12 11.93 22.08
CA ILE A 59 16.23 12.13 23.20
C ILE A 59 17.03 12.49 24.46
N ALA A 60 18.11 11.75 24.75
CA ALA A 60 18.93 12.02 25.96
C ALA A 60 19.51 13.44 26.01
N GLN A 61 20.01 13.89 24.85
CA GLN A 61 20.59 15.23 24.75
C GLN A 61 19.55 16.31 24.85
N LEU A 62 18.36 16.06 24.33
CA LEU A 62 17.29 17.07 24.37
C LEU A 62 16.76 17.20 25.79
N ILE A 63 16.67 16.07 26.49
CA ILE A 63 16.35 16.06 27.90
C ILE A 63 17.31 16.93 28.73
N GLU A 64 18.61 16.71 28.61
CA GLU A 64 19.60 17.44 29.42
C GLU A 64 19.72 18.91 29.02
N HIS A 65 19.44 19.23 27.78
CA HIS A 65 19.50 20.60 27.29
C HIS A 65 18.34 21.42 27.83
N ASP A 66 17.16 20.81 27.87
CA ASP A 66 15.97 21.48 28.36
C ASP A 66 15.74 21.36 29.86
N THR A 67 16.43 20.45 30.55
CA THR A 67 16.14 20.04 31.93
C THR A 67 17.41 19.79 32.76
N ASP A 68 17.19 19.42 34.01
CA ASP A 68 18.22 19.01 34.95
C ASP A 68 18.09 17.54 35.24
N LEU A 69 17.16 16.88 34.55
CA LEU A 69 17.11 15.44 34.58
C LEU A 69 18.31 14.96 33.77
N ASN A 70 19.09 14.05 34.36
CA ASN A 70 20.06 13.36 33.53
C ASN A 70 19.51 12.02 33.00
N THR A 71 20.29 11.35 32.17
CA THR A 71 19.78 10.28 31.31
C THR A 71 20.81 9.20 31.15
N ALA A 72 20.35 7.98 30.91
CA ALA A 72 21.19 6.84 30.64
C ALA A 72 20.60 6.14 29.42
N LEU A 73 21.47 5.57 28.59
CA LEU A 73 21.06 4.79 27.45
C LEU A 73 21.15 3.32 27.83
N VAL A 74 20.13 2.54 27.47
CA VAL A 74 20.20 1.07 27.64
C VAL A 74 20.12 0.52 26.22
N LYS A 75 21.27 0.09 25.71
CA LYS A 75 21.45 -0.37 24.35
C LYS A 75 21.23 -1.87 24.19
N ASN A 76 21.19 -2.30 22.92
CA ASN A 76 21.25 -3.68 22.46
C ASN A 76 20.03 -4.52 22.86
N LEU A 77 18.91 -3.85 23.05
CA LEU A 77 17.65 -4.56 23.17
C LEU A 77 17.36 -5.22 21.83
N GLY A 78 17.23 -6.54 21.86
CA GLY A 78 17.18 -7.35 20.64
C GLY A 78 15.95 -7.14 19.80
N SER A 79 14.87 -6.60 20.38
CA SER A 79 13.58 -6.53 19.65
C SER A 79 12.56 -5.72 20.43
N ASN A 80 11.39 -5.52 19.80
CA ASN A 80 10.28 -4.85 20.46
C ASN A 80 9.81 -5.62 21.71
N TYR A 81 9.91 -6.96 21.69
CA TYR A 81 9.56 -7.74 22.84
C TYR A 81 10.49 -7.47 24.01
N VAL A 82 11.80 -7.55 23.77
CA VAL A 82 12.80 -7.08 24.74
C VAL A 82 12.59 -5.65 25.21
N GLN A 83 12.35 -4.71 24.29
CA GLN A 83 12.01 -3.36 24.69
C GLN A 83 10.74 -3.33 25.61
N HIS A 84 9.71 -4.09 25.27
CA HIS A 84 8.49 -4.05 26.02
C HIS A 84 8.71 -4.62 27.43
N GLN A 85 9.33 -5.80 27.50
CA GLN A 85 9.57 -6.47 28.79
C GLN A 85 10.36 -5.57 29.70
N ALA A 86 11.41 -4.95 29.16
CA ALA A 86 12.23 -4.03 29.98
C ALA A 86 11.42 -2.83 30.51
N MET A 87 10.47 -2.31 29.72
CA MET A 87 9.59 -1.26 30.23
C MET A 87 8.66 -1.74 31.32
N LEU A 88 8.15 -2.97 31.17
CA LEU A 88 7.34 -3.62 32.22
C LEU A 88 8.10 -3.72 33.53
N GLY A 89 9.34 -4.18 33.47
CA GLY A 89 10.18 -4.33 34.67
C GLY A 89 10.76 -3.03 35.17
N GLY A 90 10.51 -1.94 34.46
CA GLY A 90 11.12 -0.66 34.78
C GLY A 90 12.61 -0.60 34.53
N ASP A 91 13.18 -1.43 33.64
CA ASP A 91 14.61 -1.30 33.24
C ASP A 91 14.83 -0.14 32.26
N ILE A 92 13.77 0.26 31.54
CA ILE A 92 13.82 1.51 30.75
C ILE A 92 12.57 2.32 31.04
N ASP A 93 12.68 3.64 30.87
CA ASP A 93 11.57 4.57 31.09
C ASP A 93 11.02 5.08 29.77
N ILE A 94 11.87 5.03 28.72
CA ILE A 94 11.52 5.49 27.38
C ILE A 94 12.07 4.46 26.38
N SER A 95 11.17 3.95 25.55
CA SER A 95 11.51 3.39 24.28
C SER A 95 11.66 4.58 23.32
N ALA A 96 12.88 4.74 22.79
CA ALA A 96 13.16 5.75 21.78
C ALA A 96 12.42 5.47 20.50
N THR A 97 12.33 4.18 20.13
CA THR A 97 11.71 3.83 18.84
C THR A 97 10.85 2.55 18.90
N ARG A 98 9.56 2.73 18.64
CA ARG A 98 8.68 1.59 18.45
C ARG A 98 7.93 1.82 17.14
N TYR A 99 7.46 0.74 16.55
CA TYR A 99 6.86 0.77 15.24
C TYR A 99 5.50 0.12 15.26
N SER A 100 4.54 0.81 14.66
CA SER A 100 3.13 0.49 14.88
C SER A 100 2.80 -0.93 14.51
N GLY A 101 3.17 -1.35 13.28
CA GLY A 101 2.89 -2.73 12.82
C GLY A 101 3.52 -3.81 13.68
N THR A 102 4.66 -3.50 14.30
CA THR A 102 5.46 -4.49 15.01
C THR A 102 4.82 -4.89 16.33
N ASP A 103 4.50 -3.89 17.17
CA ASP A 103 3.76 -4.17 18.42
C ASP A 103 2.31 -4.58 18.21
N LEU A 104 1.69 -4.09 17.15
CA LEU A 104 0.32 -4.49 16.85
C LEU A 104 0.15 -6.01 16.70
N THR A 105 1.06 -6.63 15.94
CA THR A 105 0.93 -8.02 15.57
C THR A 105 1.63 -8.96 16.56
N SER A 106 2.38 -8.42 17.51
CA SER A 106 3.09 -9.26 18.48
C SER A 106 2.66 -8.93 19.92
N THR A 107 2.98 -7.72 20.41
CA THR A 107 2.64 -7.37 21.78
C THR A 107 1.10 -7.41 22.01
N LEU A 108 0.33 -6.75 21.13
CA LEU A 108 -1.13 -6.70 21.26
C LEU A 108 -1.89 -7.93 20.65
N GLY A 109 -1.15 -8.84 20.00
CA GLY A 109 -1.75 -10.00 19.37
C GLY A 109 -2.88 -9.73 18.39
N LYS A 110 -2.84 -8.62 17.69
CA LYS A 110 -3.91 -8.24 16.79
C LYS A 110 -3.60 -8.61 15.33
N GLU A 111 -4.63 -8.60 14.51
CA GLU A 111 -4.45 -8.65 13.08
C GLU A 111 -3.55 -7.51 12.55
N ALA A 112 -2.84 -7.77 11.46
CA ALA A 112 -2.02 -6.77 10.85
C ALA A 112 -2.90 -5.76 10.16
N GLU A 113 -3.13 -4.64 10.81
CA GLU A 113 -3.96 -3.62 10.21
C GLU A 113 -3.20 -2.93 9.06
N LYS A 114 -3.84 -2.77 7.91
CA LYS A 114 -3.11 -2.22 6.75
C LYS A 114 -3.11 -0.71 6.59
N ASP A 115 -4.06 -0.02 7.25
CA ASP A 115 -4.11 1.43 7.20
C ASP A 115 -3.18 2.13 8.20
N PRO A 116 -2.38 3.13 7.73
CA PRO A 116 -1.50 3.80 8.70
C PRO A 116 -2.26 4.44 9.88
N LYS A 117 -3.24 5.27 9.58
CA LYS A 117 -3.96 6.00 10.63
C LYS A 117 -4.63 5.04 11.63
N LYS A 118 -5.35 4.04 11.13
CA LYS A 118 -6.09 3.10 11.96
C LYS A 118 -5.17 2.24 12.80
N ALA A 119 -4.12 1.69 12.17
CA ALA A 119 -3.10 0.93 12.89
C ALA A 119 -2.46 1.78 13.99
N LEU A 120 -2.27 3.08 13.73
CA LEU A 120 -1.71 3.94 14.76
C LEU A 120 -2.68 4.12 15.93
N ASN A 121 -3.96 4.42 15.62
CA ASN A 121 -4.97 4.66 16.66
C ASN A 121 -5.14 3.39 17.53
N ILE A 122 -5.01 2.23 16.91
CA ILE A 122 -5.22 1.02 17.62
C ILE A 122 -4.10 0.79 18.64
N VAL A 123 -2.84 1.00 18.25
CA VAL A 123 -1.75 0.85 19.23
C VAL A 123 -1.81 1.94 20.32
N GLN A 124 -2.08 3.17 19.92
CA GLN A 124 -2.26 4.21 20.92
C GLN A 124 -3.30 3.82 21.98
N ASN A 125 -4.53 3.54 21.57
CA ASN A 125 -5.63 3.27 22.50
C ASN A 125 -5.43 2.00 23.32
N GLU A 126 -4.72 1.04 22.71
CA GLU A 126 -4.43 -0.23 23.35
C GLU A 126 -3.29 -0.16 24.34
N PHE A 127 -2.30 0.67 24.06
CA PHE A 127 -1.19 0.85 24.99
C PHE A 127 -1.62 1.65 26.22
N GLN A 128 -2.47 2.63 25.97
CA GLN A 128 -3.10 3.39 27.00
C GLN A 128 -4.02 2.48 27.88
N LYS A 129 -5.00 1.80 27.27
CA LYS A 129 -5.96 0.95 27.96
C LYS A 129 -5.25 -0.15 28.75
N ARG A 130 -4.23 -0.77 28.15
CA ARG A 130 -3.63 -2.00 28.71
C ARG A 130 -2.55 -1.74 29.73
N PHE A 131 -1.72 -0.72 29.49
CA PHE A 131 -0.53 -0.54 30.27
C PHE A 131 -0.44 0.84 30.89
N SER A 132 -1.30 1.76 30.44
CA SER A 132 -1.13 3.21 30.75
C SER A 132 0.18 3.74 30.24
N TYR A 133 0.59 3.22 29.10
CA TYR A 133 1.76 3.71 28.40
C TYR A 133 1.31 4.59 27.27
N LYS A 134 1.99 5.71 27.11
CA LYS A 134 1.66 6.65 26.03
C LYS A 134 2.54 6.39 24.75
N TRP A 135 1.92 5.87 23.70
CA TRP A 135 2.56 5.68 22.42
C TRP A 135 2.33 7.02 21.68
N PHE A 136 3.37 7.83 21.50
CA PHE A 136 3.23 9.20 20.98
C PHE A 136 2.88 9.14 19.51
N ASP A 137 2.46 10.26 18.94
CA ASP A 137 2.43 10.41 17.45
C ASP A 137 3.79 10.18 16.85
N SER A 138 3.85 9.85 15.56
CA SER A 138 5.13 9.56 14.93
C SER A 138 6.13 10.70 14.90
N TYR A 139 7.41 10.36 14.78
CA TYR A 139 8.45 11.32 14.50
C TYR A 139 8.23 11.94 13.09
N GLY A 140 7.52 11.20 12.23
CA GLY A 140 7.26 11.61 10.87
C GLY A 140 7.75 10.59 9.83
N PHE A 141 8.28 9.44 10.28
CA PHE A 141 8.74 8.43 9.36
C PHE A 141 8.23 7.01 9.65
N ASP A 142 8.16 6.24 8.55
CA ASP A 142 7.77 4.83 8.52
C ASP A 142 9.07 4.05 8.26
N ASN A 143 9.35 3.01 9.03
CA ASN A 143 10.48 2.12 8.78
C ASN A 143 10.01 0.70 8.55
N THR A 144 9.70 0.41 7.29
CA THR A 144 9.05 -0.87 6.93
C THR A 144 10.02 -1.86 6.31
N TYR A 145 9.74 -3.14 6.51
CA TYR A 145 10.41 -4.20 5.80
C TYR A 145 10.22 -3.88 4.31
N ALA A 146 11.27 -4.03 3.49
CA ALA A 146 11.10 -3.78 2.08
C ALA A 146 11.91 -4.80 1.37
N PHE A 147 11.31 -5.49 0.40
CA PHE A 147 12.09 -6.41 -0.46
C PHE A 147 12.97 -5.59 -1.36
N THR A 148 14.28 -5.88 -1.30
CA THR A 148 15.29 -5.05 -1.95
C THR A 148 16.27 -5.86 -2.79
N VAL A 149 16.56 -5.35 -4.00
CA VAL A 149 17.47 -6.04 -4.98
C VAL A 149 18.36 -5.02 -5.69
N THR A 150 19.41 -5.49 -6.37
CA THR A 150 20.23 -4.57 -7.18
C THR A 150 19.46 -4.23 -8.43
N LYS A 151 19.71 -3.04 -8.99
CA LYS A 151 19.07 -2.65 -10.28
C LYS A 151 19.39 -3.65 -11.39
N LYS A 152 20.61 -4.17 -11.35
CA LYS A 152 21.07 -5.20 -12.30
C LYS A 152 20.14 -6.41 -12.30
N PHE A 153 20.00 -7.04 -11.14
CA PHE A 153 19.18 -8.23 -10.94
C PHE A 153 17.71 -8.05 -11.35
N ALA A 154 17.18 -6.86 -11.10
CA ALA A 154 15.83 -6.52 -11.55
C ALA A 154 15.74 -6.35 -13.10
N GLU A 155 16.71 -5.80 -13.77
CA GLU A 155 16.66 -5.86 -15.23
C GLU A 155 16.80 -7.26 -15.70
N LYS A 156 17.73 -7.95 -15.12
CA LYS A 156 18.01 -9.30 -15.49
C LYS A 156 16.86 -10.23 -15.20
N GLU A 157 16.14 -10.05 -14.13
CA GLU A 157 15.02 -10.91 -13.87
C GLU A 157 13.70 -10.21 -14.09
N HIS A 158 13.72 -9.00 -14.61
CA HIS A 158 12.51 -8.28 -14.85
C HIS A 158 11.65 -8.12 -13.59
N ILE A 159 12.21 -7.54 -12.54
CA ILE A 159 11.49 -7.40 -11.30
C ILE A 159 11.07 -5.99 -10.93
N ASN A 160 9.78 -5.75 -10.81
CA ASN A 160 9.31 -4.47 -10.27
C ASN A 160 8.56 -4.60 -8.96
N THR A 161 7.95 -5.75 -8.76
CA THR A 161 7.11 -6.00 -7.62
C THR A 161 7.49 -7.31 -6.94
N VAL A 162 7.02 -7.49 -5.71
CA VAL A 162 7.32 -8.67 -4.92
C VAL A 162 6.74 -9.90 -5.59
N SER A 163 5.52 -9.82 -6.13
CA SER A 163 4.96 -10.91 -6.98
C SER A 163 5.81 -11.31 -8.21
N ASP A 164 6.66 -10.41 -8.73
CA ASP A 164 7.53 -10.75 -9.85
C ASP A 164 8.58 -11.80 -9.45
N LEU A 165 8.82 -11.94 -8.15
CA LEU A 165 9.83 -12.86 -7.64
C LEU A 165 9.36 -14.29 -7.71
N LYS A 166 8.06 -14.47 -7.72
CA LYS A 166 7.45 -15.77 -7.70
C LYS A 166 8.03 -16.68 -8.76
N LYS A 167 8.08 -16.18 -10.00
CA LYS A 167 8.45 -16.95 -11.21
C LYS A 167 9.66 -17.89 -11.03
N ASN A 168 10.76 -17.35 -10.50
CA ASN A 168 11.94 -18.13 -10.17
C ASN A 168 12.34 -18.17 -8.68
N ALA A 169 11.36 -18.00 -7.78
CA ALA A 169 11.61 -17.85 -6.34
C ALA A 169 12.53 -18.91 -5.76
N SER A 170 12.24 -20.17 -6.11
CA SER A 170 13.00 -21.31 -5.56
C SER A 170 14.46 -21.34 -5.99
N GLN A 171 14.81 -20.41 -6.88
CA GLN A 171 16.16 -20.23 -7.38
C GLN A 171 16.90 -19.12 -6.60
N TYR A 172 16.18 -18.40 -5.76
CA TYR A 172 16.73 -17.21 -5.14
C TYR A 172 17.22 -17.50 -3.74
N LYS A 173 18.24 -16.74 -3.36
CA LYS A 173 18.69 -16.63 -1.97
C LYS A 173 18.23 -15.29 -1.39
N LEU A 174 17.48 -15.36 -0.28
CA LEU A 174 16.94 -14.17 0.43
C LEU A 174 17.59 -13.96 1.75
N GLY A 175 18.17 -12.78 1.93
CA GLY A 175 18.70 -12.35 3.24
C GLY A 175 17.62 -11.67 4.09
N VAL A 176 17.49 -12.12 5.34
CA VAL A 176 16.53 -11.52 6.29
C VAL A 176 17.20 -11.31 7.66
N ASP A 177 16.53 -10.61 8.57
CA ASP A 177 17.05 -10.31 9.91
C ASP A 177 16.86 -11.52 10.82
N ASN A 178 17.40 -11.44 12.03
CA ASN A 178 17.29 -12.56 12.94
C ASN A 178 15.83 -12.88 13.28
N ALA A 179 14.99 -11.86 13.28
CA ALA A 179 13.66 -11.97 13.86
C ALA A 179 12.43 -12.04 12.93
N TRP A 180 12.62 -12.14 11.61
CA TRP A 180 11.48 -12.12 10.71
C TRP A 180 10.86 -13.44 10.41
N LEU A 181 11.69 -14.43 10.21
CA LEU A 181 11.22 -15.80 9.93
C LEU A 181 10.28 -16.36 10.99
N LYS A 182 10.44 -15.95 12.24
CA LYS A 182 9.61 -16.53 13.35
C LYS A 182 8.42 -15.65 13.77
N ARG A 183 8.42 -14.40 13.30
CA ARG A 183 7.37 -13.48 13.64
C ARG A 183 5.98 -13.97 13.16
N LYS A 184 4.96 -13.71 13.97
CA LYS A 184 3.57 -14.01 13.60
C LYS A 184 2.89 -12.79 12.98
N GLY A 185 1.91 -13.02 12.11
CA GLY A 185 1.15 -11.91 11.51
C GLY A 185 1.85 -11.15 10.37
N ASP A 186 3.02 -10.58 10.64
CA ASP A 186 3.82 -9.91 9.61
C ASP A 186 5.14 -10.62 9.29
N GLY A 187 5.32 -11.87 9.78
CA GLY A 187 6.52 -12.63 9.48
C GLY A 187 6.52 -13.44 8.19
N TYR A 188 7.50 -14.32 8.03
CA TYR A 188 7.55 -15.24 6.88
C TYR A 188 6.29 -16.13 6.74
N LYS A 189 5.84 -16.79 7.80
CA LYS A 189 4.65 -17.65 7.68
C LYS A 189 3.53 -16.93 6.95
N GLY A 190 3.25 -15.70 7.36
CA GLY A 190 2.23 -14.85 6.76
C GLY A 190 2.56 -14.38 5.36
N PHE A 191 3.83 -14.05 5.09
CA PHE A 191 4.27 -13.73 3.73
C PHE A 191 3.92 -14.88 2.73
N VAL A 192 4.11 -16.13 3.18
CA VAL A 192 3.92 -17.31 2.35
C VAL A 192 2.45 -17.48 1.97
N SER A 193 1.57 -17.33 2.96
CA SER A 193 0.18 -17.55 2.68
C SER A 193 -0.48 -16.37 1.96
N THR A 194 0.13 -15.18 2.02
CA THR A 194 -0.33 -14.04 1.21
C THR A 194 0.23 -14.05 -0.22
N TYR A 195 1.55 -14.11 -0.36
CA TYR A 195 2.15 -14.03 -1.70
C TYR A 195 2.06 -15.34 -2.48
N GLY A 196 1.93 -16.46 -1.75
CA GLY A 196 1.66 -17.79 -2.32
C GLY A 196 2.92 -18.48 -2.84
N PHE A 197 4.07 -18.12 -2.27
CA PHE A 197 5.35 -18.77 -2.60
C PHE A 197 6.40 -18.65 -1.50
N GLU A 198 7.39 -19.54 -1.53
CA GLU A 198 8.57 -19.39 -0.69
C GLU A 198 9.85 -19.25 -1.50
N PHE A 199 10.89 -18.70 -0.88
CA PHE A 199 12.17 -18.48 -1.54
C PHE A 199 12.95 -19.76 -1.44
N GLY A 200 13.85 -20.00 -2.41
CA GLY A 200 14.73 -21.14 -2.39
C GLY A 200 15.39 -21.34 -1.03
N THR A 201 16.22 -20.37 -0.66
CA THR A 201 16.85 -20.43 0.66
C THR A 201 16.70 -19.09 1.36
N THR A 202 16.37 -19.14 2.64
CA THR A 202 16.35 -17.92 3.44
C THR A 202 17.54 -17.93 4.37
N TYR A 203 18.20 -16.77 4.47
CA TYR A 203 19.33 -16.64 5.35
C TYR A 203 19.12 -15.56 6.41
N PRO A 204 18.96 -15.96 7.68
CA PRO A 204 18.86 -14.92 8.71
C PRO A 204 20.27 -14.41 9.10
N MET A 205 20.38 -13.10 9.30
CA MET A 205 21.64 -12.47 9.69
C MET A 205 21.32 -11.14 10.42
N GLN A 206 22.32 -10.50 11.03
CA GLN A 206 22.17 -9.16 11.61
C GLN A 206 21.74 -8.18 10.50
N ILE A 207 20.64 -7.46 10.72
CA ILE A 207 20.08 -6.57 9.70
C ILE A 207 21.15 -5.70 9.01
N GLY A 208 22.10 -5.20 9.79
CA GLY A 208 23.13 -4.31 9.24
C GLY A 208 23.94 -4.89 8.11
N LEU A 209 24.01 -6.22 8.00
CA LEU A 209 24.79 -6.92 6.95
C LEU A 209 24.03 -7.15 5.64
N VAL A 210 22.72 -6.98 5.63
CA VAL A 210 21.96 -7.34 4.39
C VAL A 210 22.25 -6.38 3.21
N TYR A 211 22.85 -5.21 3.50
CA TYR A 211 23.05 -4.17 2.47
C TYR A 211 24.29 -4.46 1.63
N ASP A 212 25.34 -5.02 2.24
CA ASP A 212 26.53 -5.42 1.45
C ASP A 212 26.22 -6.77 0.75
N ALA A 213 25.59 -7.68 1.48
CA ALA A 213 25.22 -8.99 0.97
C ALA A 213 24.42 -8.91 -0.34
N VAL A 214 23.60 -7.88 -0.48
CA VAL A 214 22.84 -7.69 -1.71
C VAL A 214 23.63 -6.96 -2.78
N LYS A 215 24.40 -5.94 -2.39
CA LYS A 215 25.27 -5.25 -3.34
C LYS A 215 26.34 -6.20 -3.94
N ASN A 216 26.89 -7.08 -3.11
CA ASN A 216 27.96 -7.99 -3.51
C ASN A 216 27.53 -9.33 -4.13
N GLY A 217 26.25 -9.41 -4.54
CA GLY A 217 25.71 -10.61 -5.17
C GLY A 217 25.59 -11.85 -4.29
N LYS A 218 25.98 -11.74 -3.03
CA LYS A 218 25.87 -12.85 -2.10
C LYS A 218 24.38 -13.27 -1.77
N MET A 219 23.42 -12.38 -2.02
CA MET A 219 22.01 -12.72 -1.93
C MET A 219 21.34 -12.11 -3.15
N ASP A 220 20.30 -12.78 -3.63
CA ASP A 220 19.54 -12.25 -4.76
C ASP A 220 18.59 -11.15 -4.32
N ALA A 221 18.03 -11.32 -3.11
CA ALA A 221 17.15 -10.30 -2.48
C ALA A 221 17.36 -10.26 -0.97
N VAL A 222 17.05 -9.11 -0.38
CA VAL A 222 17.04 -9.04 1.09
C VAL A 222 15.78 -8.35 1.55
N LEU A 223 15.37 -8.66 2.79
CA LEU A 223 14.31 -7.91 3.42
C LEU A 223 14.92 -6.75 4.21
N ALA A 224 15.18 -5.64 3.49
CA ALA A 224 15.80 -4.46 4.10
C ALA A 224 14.79 -3.66 4.94
N TYR A 225 15.31 -2.66 5.67
CA TYR A 225 14.48 -1.67 6.34
C TYR A 225 14.53 -0.38 5.54
N SER A 226 13.39 0.18 5.21
CA SER A 226 13.29 1.33 4.22
C SER A 226 14.03 2.62 4.64
N THR A 227 14.32 2.81 5.93
CA THR A 227 14.96 4.08 6.34
C THR A 227 16.47 3.89 6.35
N ASP A 228 16.97 2.68 6.07
CA ASP A 228 18.42 2.54 5.96
C ASP A 228 18.94 3.37 4.77
N GLY A 229 19.96 4.17 5.02
CA GLY A 229 20.49 5.07 4.02
C GLY A 229 21.33 4.40 2.95
N ARG A 230 21.71 3.13 3.20
CA ARG A 230 22.49 2.37 2.19
C ARG A 230 21.68 1.89 1.00
N ILE A 231 20.35 1.85 1.13
CA ILE A 231 19.48 1.59 -0.02
C ILE A 231 19.70 2.63 -1.15
N LYS A 232 19.60 3.92 -0.85
CA LYS A 232 19.99 4.96 -1.77
C LYS A 232 21.50 4.93 -2.11
N ALA A 233 22.34 4.89 -1.09
CA ALA A 233 23.77 4.99 -1.32
C ALA A 233 24.30 3.89 -2.27
N TYR A 234 23.74 2.67 -2.15
CA TYR A 234 24.12 1.58 -3.05
C TYR A 234 23.24 1.50 -4.31
N ASP A 235 22.40 2.52 -4.57
CA ASP A 235 21.49 2.51 -5.72
C ASP A 235 20.68 1.21 -5.85
N LEU A 236 20.25 0.66 -4.71
CA LEU A 236 19.40 -0.52 -4.71
C LEU A 236 17.95 -0.21 -5.14
N LYS A 237 17.18 -1.24 -5.46
CA LYS A 237 15.76 -1.07 -5.82
C LYS A 237 14.87 -1.75 -4.77
N ILE A 238 13.92 -0.97 -4.25
CA ILE A 238 12.83 -1.46 -3.38
C ILE A 238 11.69 -2.01 -4.27
N LEU A 239 11.34 -3.27 -4.03
CA LEU A 239 10.20 -3.84 -4.72
C LEU A 239 8.86 -3.39 -4.06
N LYS A 240 7.88 -3.08 -4.91
CA LYS A 240 6.57 -2.74 -4.50
C LYS A 240 5.87 -3.93 -3.80
N ASP A 241 5.35 -3.68 -2.60
CA ASP A 241 4.56 -4.67 -1.87
C ASP A 241 3.14 -4.73 -2.44
N ASP A 242 2.96 -5.48 -3.52
CA ASP A 242 1.81 -5.25 -4.40
C ASP A 242 0.55 -5.79 -3.81
N LYS A 243 0.70 -6.78 -2.95
CA LYS A 243 -0.42 -7.39 -2.27
C LYS A 243 -0.70 -6.77 -0.90
N ARG A 244 -0.02 -5.65 -0.57
CA ARG A 244 -0.10 -4.99 0.76
C ARG A 244 -0.06 -5.98 1.94
N PHE A 245 0.85 -6.97 1.86
CA PHE A 245 1.04 -7.85 2.96
C PHE A 245 1.46 -7.13 4.21
N PHE A 246 2.53 -6.31 4.15
CA PHE A 246 3.03 -5.61 5.36
C PHE A 246 2.13 -4.52 5.91
N PRO A 247 1.94 -4.48 7.25
CA PRO A 247 1.32 -3.34 7.90
C PRO A 247 2.20 -2.09 7.81
N PRO A 248 1.69 -0.93 8.26
CA PRO A 248 2.60 0.22 8.31
C PRO A 248 3.46 0.10 9.55
N TYR A 249 4.58 0.78 9.55
CA TYR A 249 5.49 0.75 10.63
C TYR A 249 5.91 2.15 11.00
N ASP A 250 4.94 3.05 11.24
CA ASP A 250 5.22 4.41 11.69
C ASP A 250 5.96 4.35 12.99
N CYS A 251 6.96 5.21 13.15
CA CYS A 251 7.86 5.14 14.31
C CYS A 251 7.53 6.22 15.37
N SER A 252 7.54 5.79 16.65
CA SER A 252 7.15 6.64 17.76
C SER A 252 7.90 6.31 19.04
N PRO A 253 8.07 7.32 19.91
CA PRO A 253 8.55 6.97 21.27
C PRO A 253 7.41 6.45 22.10
N VAL A 254 7.73 5.61 23.10
CA VAL A 254 6.76 5.13 24.07
C VAL A 254 7.28 5.41 25.50
N ILE A 255 6.41 5.97 26.34
CA ILE A 255 6.74 6.31 27.73
C ILE A 255 5.53 6.06 28.63
N PRO A 256 5.73 5.38 29.77
CA PRO A 256 4.60 5.22 30.70
C PRO A 256 4.05 6.58 31.18
N GLU A 257 2.72 6.70 31.30
CA GLU A 257 2.11 7.85 31.96
C GLU A 257 2.70 8.09 33.36
N LYS A 258 2.97 7.01 34.07
CA LYS A 258 3.55 7.04 35.40
C LYS A 258 4.83 7.86 35.41
N VAL A 259 5.65 7.64 34.38
CA VAL A 259 6.88 8.42 34.16
C VAL A 259 6.63 9.88 33.75
N LEU A 260 5.56 10.14 33.01
CA LEU A 260 5.27 11.54 32.53
C LEU A 260 4.73 12.44 33.65
N LYS A 261 3.96 11.86 34.53
CA LYS A 261 3.30 12.61 35.60
C LYS A 261 4.36 12.92 36.68
N GLU A 262 5.28 11.98 36.83
CA GLU A 262 6.43 12.10 37.73
C GLU A 262 7.39 13.19 37.27
N HIS A 263 7.46 13.44 35.98
CA HIS A 263 8.39 14.44 35.48
C HIS A 263 7.71 15.32 34.49
N PRO A 264 6.86 16.22 34.98
CA PRO A 264 5.90 16.93 34.13
C PRO A 264 6.55 17.70 32.97
N GLU A 265 7.87 17.93 33.04
CA GLU A 265 8.54 18.72 32.05
C GLU A 265 9.11 17.82 30.89
N LEU A 266 8.78 16.53 30.94
CA LEU A 266 9.31 15.57 29.96
C LEU A 266 8.56 15.61 28.61
N GLU A 267 7.24 15.76 28.67
CA GLU A 267 6.42 15.55 27.50
C GLU A 267 6.65 16.67 26.52
N GLY A 268 6.89 17.86 27.06
CA GLY A 268 7.25 19.01 26.24
C GLY A 268 8.53 18.74 25.49
N VAL A 269 9.44 17.97 26.08
CA VAL A 269 10.72 17.71 25.43
C VAL A 269 10.54 16.81 24.21
N ILE A 270 10.12 15.57 24.48
CA ILE A 270 9.73 14.60 23.50
C ILE A 270 8.80 15.23 22.44
N ASN A 271 7.90 16.10 22.85
CA ASN A 271 6.99 16.73 21.90
C ASN A 271 7.73 17.54 20.85
N LYS A 272 8.94 18.00 21.19
CA LYS A 272 9.70 18.78 20.23
C LYS A 272 10.07 17.98 18.96
N LEU A 273 10.19 16.65 19.12
CA LEU A 273 10.64 15.76 18.04
C LEU A 273 9.47 15.21 17.17
N ILE A 274 8.24 15.42 17.62
CA ILE A 274 7.08 14.77 17.00
C ILE A 274 6.72 15.48 15.66
N GLY A 275 6.51 14.72 14.60
CA GLY A 275 6.36 15.22 13.25
C GLY A 275 7.62 15.85 12.64
N GLN A 276 8.80 15.72 13.26
CA GLN A 276 10.01 16.48 12.88
C GLN A 276 11.03 15.74 12.01
N ILE A 277 10.96 14.42 11.99
CA ILE A 277 11.91 13.62 11.23
C ILE A 277 11.16 12.87 10.14
N ASP A 278 11.31 13.30 8.91
CA ASP A 278 10.73 12.52 7.81
C ASP A 278 11.64 11.31 7.47
N THR A 279 11.13 10.41 6.61
CA THR A 279 11.93 9.30 6.10
C THR A 279 13.26 9.72 5.49
N GLU A 280 13.19 10.72 4.64
CA GLU A 280 14.34 11.19 3.89
C GLU A 280 15.41 11.69 4.84
N THR A 281 15.01 12.39 5.90
CA THR A 281 15.93 12.81 6.98
C THR A 281 16.51 11.65 7.78
N MET A 282 15.68 10.68 8.13
CA MET A 282 16.13 9.51 8.92
C MET A 282 17.09 8.58 8.09
N GLN A 283 16.90 8.56 6.76
CA GLN A 283 17.83 7.84 5.88
C GLN A 283 19.21 8.53 5.89
N GLU A 284 19.24 9.85 5.95
CA GLU A 284 20.51 10.59 5.99
C GLU A 284 21.24 10.35 7.28
N LEU A 285 20.51 10.47 8.40
CA LEU A 285 21.03 10.31 9.74
C LEU A 285 21.57 8.90 9.95
N ASN A 286 20.81 7.91 9.54
CA ASN A 286 21.24 6.53 9.55
C ASN A 286 22.53 6.35 8.76
N TYR A 287 22.65 7.02 7.59
CA TYR A 287 23.79 6.83 6.71
C TYR A 287 25.02 7.44 7.31
N GLU A 288 24.83 8.51 8.09
CA GLU A 288 25.92 9.12 8.83
C GLU A 288 26.62 8.11 9.77
N VAL A 289 25.89 7.10 10.24
CA VAL A 289 26.45 6.13 11.17
C VAL A 289 26.93 4.87 10.43
N ASP A 290 26.11 4.38 9.52
CA ASP A 290 26.39 3.11 8.89
C ASP A 290 27.45 3.23 7.80
N GLY A 291 27.38 4.33 7.04
CA GLY A 291 28.27 4.58 5.93
C GLY A 291 29.48 5.41 6.31
N LYS A 292 29.22 6.53 7.00
CA LYS A 292 30.32 7.45 7.39
C LYS A 292 30.97 7.11 8.74
N LEU A 293 30.40 6.13 9.46
CA LEU A 293 30.91 5.49 10.68
C LEU A 293 31.04 6.43 11.86
N LYS A 294 30.24 7.48 11.87
CA LYS A 294 30.16 8.40 13.02
C LYS A 294 29.38 7.79 14.17
N GLU A 295 29.72 8.18 15.38
CA GLU A 295 28.97 7.75 16.55
C GLU A 295 27.54 8.28 16.47
N PRO A 296 26.53 7.46 16.85
CA PRO A 296 25.12 7.96 17.01
C PRO A 296 25.05 9.27 17.84
N SER A 297 25.97 9.48 18.80
CA SER A 297 25.92 10.67 19.68
C SER A 297 26.30 11.94 18.93
N VAL A 298 27.29 11.83 18.08
CA VAL A 298 27.74 12.90 17.21
C VAL A 298 26.67 13.19 16.16
N VAL A 299 26.11 12.16 15.53
CA VAL A 299 25.01 12.38 14.58
C VAL A 299 23.81 13.07 15.28
N ALA A 300 23.43 12.59 16.46
CA ALA A 300 22.38 13.24 17.25
C ALA A 300 22.66 14.69 17.56
N LYS A 301 23.92 14.96 17.98
CA LYS A 301 24.30 16.32 18.41
C LYS A 301 24.19 17.29 17.21
N GLU A 302 24.63 16.83 16.05
CA GLU A 302 24.73 17.63 14.88
C GLU A 302 23.35 17.97 14.34
N PHE A 303 22.44 16.98 14.40
CA PHE A 303 21.05 17.20 14.02
C PHE A 303 20.44 18.26 14.97
N LEU A 304 20.52 18.03 16.30
CA LEU A 304 19.91 18.98 17.27
C LEU A 304 20.48 20.39 17.14
N GLU A 305 21.79 20.50 16.87
CA GLU A 305 22.40 21.80 16.65
C GLU A 305 21.89 22.53 15.37
N LYS A 306 21.64 21.78 14.31
CA LYS A 306 21.12 22.33 13.08
C LYS A 306 19.72 22.88 13.25
N HIS A 307 18.96 22.31 14.19
CA HIS A 307 17.57 22.78 14.44
C HIS A 307 17.44 23.58 15.73
N HIS A 308 18.60 24.02 16.23
CA HIS A 308 18.73 24.84 17.43
C HIS A 308 18.03 24.18 18.60
N TYR A 309 18.09 22.86 18.64
CA TYR A 309 17.42 22.07 19.67
C TYR A 309 15.91 22.32 19.73
N PHE A 310 15.35 22.77 18.60
CA PHE A 310 13.91 23.17 18.47
C PHE A 310 13.51 24.19 19.56
N ASP A 311 14.44 25.13 19.80
CA ASP A 311 14.42 26.13 20.91
C ASP A 311 14.72 25.54 22.31
N ASP B 40 -34.61 -16.95 -20.22
CA ASP B 40 -34.39 -16.62 -21.67
C ASP B 40 -33.03 -15.92 -21.97
N THR B 41 -33.03 -14.57 -21.95
CA THR B 41 -31.85 -13.81 -22.34
C THR B 41 -31.18 -13.16 -21.11
N ILE B 42 -29.91 -13.46 -20.93
CA ILE B 42 -29.17 -12.94 -19.78
C ILE B 42 -28.70 -11.52 -20.10
N LYS B 43 -29.20 -10.53 -19.35
CA LYS B 43 -28.82 -9.13 -19.56
C LYS B 43 -27.50 -8.76 -18.81
N ILE B 44 -26.47 -8.40 -19.60
CA ILE B 44 -25.13 -8.12 -19.08
C ILE B 44 -24.74 -6.64 -19.06
N GLY B 45 -24.55 -6.09 -17.87
CA GLY B 45 -24.33 -4.67 -17.74
C GLY B 45 -22.88 -4.30 -17.87
N ALA B 46 -22.63 -3.31 -18.68
CA ALA B 46 -21.33 -2.73 -18.80
C ALA B 46 -21.34 -1.26 -18.38
N GLN B 47 -20.43 -0.94 -17.50
CA GLN B 47 -20.12 0.39 -17.13
C GLN B 47 -19.45 1.07 -18.32
N SER B 48 -19.50 2.40 -18.28
CA SER B 48 -18.96 3.22 -19.35
C SER B 48 -17.46 3.37 -19.19
N MET B 49 -16.80 2.22 -19.31
CA MET B 49 -15.38 2.11 -19.37
C MET B 49 -15.12 1.11 -20.46
N THR B 50 -14.04 1.28 -21.18
CA THR B 50 -13.62 0.32 -22.16
C THR B 50 -13.52 -1.09 -21.55
N GLU B 51 -12.85 -1.16 -20.43
CA GLU B 51 -12.62 -2.40 -19.76
C GLU B 51 -13.91 -3.21 -19.49
N SER B 52 -14.99 -2.51 -19.13
CA SER B 52 -16.21 -3.18 -18.70
C SER B 52 -16.93 -3.73 -19.93
N GLU B 53 -16.79 -3.00 -21.02
CA GLU B 53 -17.33 -3.45 -22.26
C GLU B 53 -16.62 -4.74 -22.75
N ILE B 54 -15.32 -4.81 -22.63
CA ILE B 54 -14.61 -5.99 -23.12
C ILE B 54 -15.02 -7.22 -22.34
N VAL B 55 -15.06 -7.08 -21.01
CA VAL B 55 -15.30 -8.22 -20.16
C VAL B 55 -16.75 -8.60 -20.36
N ALA B 56 -17.61 -7.62 -20.63
CA ALA B 56 -19.06 -7.90 -20.86
C ALA B 56 -19.28 -8.70 -22.16
N ASN B 57 -18.58 -8.31 -23.20
CA ASN B 57 -18.57 -9.14 -24.42
C ASN B 57 -17.97 -10.52 -24.15
N MET B 58 -16.93 -10.56 -23.35
CA MET B 58 -16.24 -11.81 -23.00
C MET B 58 -17.23 -12.75 -22.34
N ILE B 59 -18.02 -12.21 -21.42
CA ILE B 59 -18.99 -13.01 -20.68
C ILE B 59 -20.09 -13.50 -21.61
N ALA B 60 -20.60 -12.61 -22.44
CA ALA B 60 -21.66 -12.92 -23.40
C ALA B 60 -21.27 -14.03 -24.36
N GLN B 61 -20.11 -13.90 -24.98
CA GLN B 61 -19.68 -14.89 -25.98
C GLN B 61 -19.46 -16.25 -25.30
N LEU B 62 -18.94 -16.19 -24.08
CA LEU B 62 -18.66 -17.40 -23.33
C LEU B 62 -19.94 -18.10 -22.91
N ILE B 63 -21.00 -17.35 -22.64
CA ILE B 63 -22.31 -17.95 -22.32
C ILE B 63 -22.93 -18.66 -23.55
N GLU B 64 -22.85 -18.01 -24.71
CA GLU B 64 -23.35 -18.58 -25.96
C GLU B 64 -22.55 -19.77 -26.48
N HIS B 65 -21.24 -19.76 -26.21
CA HIS B 65 -20.35 -20.89 -26.50
C HIS B 65 -20.78 -22.07 -25.62
N ASP B 66 -20.90 -21.84 -24.30
CA ASP B 66 -21.10 -22.94 -23.33
C ASP B 66 -22.52 -23.48 -23.20
N THR B 67 -23.51 -22.65 -23.50
CA THR B 67 -24.90 -22.96 -23.18
C THR B 67 -25.81 -22.63 -24.36
N ASP B 68 -27.10 -22.79 -24.13
CA ASP B 68 -28.13 -22.51 -25.11
C ASP B 68 -28.80 -21.14 -24.91
N LEU B 69 -28.33 -20.42 -23.89
CA LEU B 69 -28.87 -19.12 -23.47
C LEU B 69 -28.46 -18.01 -24.40
N ASN B 70 -29.37 -17.08 -24.62
CA ASN B 70 -29.08 -15.87 -25.41
C ASN B 70 -28.66 -14.77 -24.47
N THR B 71 -27.87 -13.82 -24.98
CA THR B 71 -27.38 -12.69 -24.17
C THR B 71 -27.69 -11.35 -24.83
N ALA B 72 -27.87 -10.33 -24.00
CA ALA B 72 -27.89 -8.94 -24.46
C ALA B 72 -26.90 -8.12 -23.62
N LEU B 73 -26.47 -6.98 -24.17
CA LEU B 73 -25.65 -6.06 -23.42
C LEU B 73 -26.47 -4.82 -23.03
N VAL B 74 -26.24 -4.35 -21.79
CA VAL B 74 -26.73 -3.03 -21.38
C VAL B 74 -25.50 -2.15 -21.17
N LYS B 75 -25.23 -1.23 -22.10
CA LYS B 75 -23.96 -0.47 -22.10
C LYS B 75 -24.13 0.85 -21.39
N ASN B 76 -23.02 1.57 -21.18
CA ASN B 76 -23.06 3.01 -20.78
C ASN B 76 -23.65 3.24 -19.39
N LEU B 77 -23.63 2.21 -18.56
CA LEU B 77 -23.99 2.41 -17.16
C LEU B 77 -22.90 3.33 -16.57
N GLY B 78 -23.30 4.52 -16.13
CA GLY B 78 -22.37 5.57 -15.78
C GLY B 78 -21.49 5.37 -14.56
N SER B 79 -21.91 4.55 -13.60
CA SER B 79 -21.17 4.34 -12.33
C SER B 79 -21.66 3.05 -11.65
N ASN B 80 -20.96 2.63 -10.60
CA ASN B 80 -21.38 1.46 -9.83
C ASN B 80 -22.78 1.73 -9.25
N TYR B 81 -23.06 3.01 -8.96
CA TYR B 81 -24.43 3.38 -8.50
C TYR B 81 -25.49 2.99 -9.52
N VAL B 82 -25.27 3.36 -10.79
CA VAL B 82 -26.19 3.01 -11.86
C VAL B 82 -26.25 1.51 -12.03
N GLN B 83 -25.11 0.83 -12.00
CA GLN B 83 -25.10 -0.64 -12.10
C GLN B 83 -25.92 -1.27 -11.00
N HIS B 84 -25.73 -0.82 -9.76
CA HIS B 84 -26.43 -1.42 -8.61
C HIS B 84 -27.93 -1.22 -8.74
N GLN B 85 -28.35 0.01 -9.04
CA GLN B 85 -29.79 0.32 -9.20
C GLN B 85 -30.41 -0.50 -10.34
N ALA B 86 -29.69 -0.63 -11.43
CA ALA B 86 -30.11 -1.49 -12.54
C ALA B 86 -30.33 -2.94 -12.11
N MET B 87 -29.39 -3.49 -11.34
CA MET B 87 -29.49 -4.85 -10.88
C MET B 87 -30.66 -4.95 -9.90
N LEU B 88 -30.82 -3.96 -9.02
CA LEU B 88 -31.94 -3.93 -8.08
C LEU B 88 -33.27 -3.90 -8.86
N GLY B 89 -33.38 -2.96 -9.81
CA GLY B 89 -34.58 -2.85 -10.66
C GLY B 89 -34.80 -4.00 -11.60
N GLY B 90 -33.86 -4.95 -11.64
CA GLY B 90 -33.97 -6.08 -12.56
C GLY B 90 -33.59 -5.79 -14.01
N ASP B 91 -33.06 -4.59 -14.29
CA ASP B 91 -32.59 -4.23 -15.65
C ASP B 91 -31.28 -4.89 -16.15
N ILE B 92 -30.53 -5.55 -15.29
CA ILE B 92 -29.37 -6.35 -15.70
C ILE B 92 -29.32 -7.59 -14.83
N ASP B 93 -28.82 -8.70 -15.38
CA ASP B 93 -28.72 -9.92 -14.59
C ASP B 93 -27.28 -10.15 -14.11
N ILE B 94 -26.32 -9.47 -14.74
CA ILE B 94 -24.90 -9.63 -14.41
C ILE B 94 -24.21 -8.29 -14.55
N SER B 95 -23.48 -7.92 -13.50
CA SER B 95 -22.47 -6.87 -13.60
C SER B 95 -21.19 -7.53 -14.04
N ALA B 96 -20.69 -7.09 -15.20
CA ALA B 96 -19.45 -7.64 -15.74
C ALA B 96 -18.24 -7.19 -14.90
N THR B 97 -18.16 -5.88 -14.60
CA THR B 97 -17.06 -5.36 -13.77
C THR B 97 -17.50 -4.53 -12.57
N ARG B 98 -17.25 -5.07 -11.37
CA ARG B 98 -17.34 -4.26 -10.18
C ARG B 98 -16.00 -4.25 -9.38
N TYR B 99 -15.79 -3.24 -8.54
CA TYR B 99 -14.48 -2.96 -7.91
C TYR B 99 -14.63 -2.90 -6.40
N SER B 100 -13.88 -3.75 -5.69
CA SER B 100 -14.16 -3.99 -4.28
C SER B 100 -14.21 -2.71 -3.46
N GLY B 101 -13.16 -1.90 -3.52
CA GLY B 101 -13.15 -0.61 -2.78
C GLY B 101 -14.25 0.36 -3.18
N THR B 102 -14.66 0.32 -4.45
CA THR B 102 -15.71 1.26 -4.92
C THR B 102 -17.12 1.06 -4.28
N ASP B 103 -17.59 -0.21 -4.32
CA ASP B 103 -18.88 -0.55 -3.71
C ASP B 103 -18.82 -0.62 -2.20
N LEU B 104 -17.63 -0.90 -1.65
CA LEU B 104 -17.42 -0.94 -0.19
C LEU B 104 -17.70 0.41 0.42
N THR B 105 -17.28 1.47 -0.27
CA THR B 105 -17.34 2.80 0.31
C THR B 105 -18.64 3.50 0.03
N SER B 106 -19.26 3.19 -1.11
CA SER B 106 -20.48 3.91 -1.50
C SER B 106 -21.75 3.09 -1.37
N THR B 107 -21.85 1.97 -2.07
CA THR B 107 -23.02 1.14 -1.95
C THR B 107 -23.16 0.58 -0.53
N LEU B 108 -22.03 0.18 0.07
CA LEU B 108 -22.08 -0.44 1.38
C LEU B 108 -21.94 0.53 2.54
N GLY B 109 -21.61 1.78 2.24
CA GLY B 109 -21.48 2.80 3.27
C GLY B 109 -20.41 2.50 4.30
N LYS B 110 -19.40 1.69 3.97
CA LYS B 110 -18.40 1.33 4.99
C LYS B 110 -17.10 2.10 4.81
N GLU B 111 -16.25 2.08 5.84
CA GLU B 111 -14.97 2.79 5.78
C GLU B 111 -14.10 2.08 4.76
N ALA B 112 -13.18 2.82 4.17
CA ALA B 112 -12.37 2.25 3.10
C ALA B 112 -11.36 1.32 3.74
N GLU B 113 -11.64 0.03 3.67
CA GLU B 113 -10.71 -0.97 4.16
C GLU B 113 -9.52 -1.05 3.20
N LYS B 114 -8.31 -1.12 3.73
CA LYS B 114 -7.08 -1.01 2.94
C LYS B 114 -6.40 -2.33 2.56
N ASP B 115 -6.66 -3.41 3.30
CA ASP B 115 -6.17 -4.73 2.92
C ASP B 115 -7.04 -5.33 1.82
N PRO B 116 -6.43 -5.89 0.76
CA PRO B 116 -7.16 -6.48 -0.36
C PRO B 116 -8.05 -7.67 0.01
N LYS B 117 -7.53 -8.61 0.82
CA LYS B 117 -8.33 -9.78 1.17
C LYS B 117 -9.50 -9.42 2.07
N LYS B 118 -9.23 -8.62 3.09
CA LYS B 118 -10.27 -8.18 4.00
C LYS B 118 -11.32 -7.37 3.25
N ALA B 119 -10.93 -6.45 2.35
CA ALA B 119 -11.93 -5.67 1.61
C ALA B 119 -12.87 -6.57 0.77
N LEU B 120 -12.31 -7.57 0.13
CA LEU B 120 -13.08 -8.52 -0.67
C LEU B 120 -14.01 -9.38 0.21
N ASN B 121 -13.49 -9.93 1.31
CA ASN B 121 -14.37 -10.67 2.21
C ASN B 121 -15.61 -9.84 2.70
N ILE B 122 -15.37 -8.59 3.05
CA ILE B 122 -16.44 -7.77 3.56
C ILE B 122 -17.48 -7.55 2.43
N VAL B 123 -17.04 -7.18 1.23
CA VAL B 123 -17.96 -6.95 0.12
C VAL B 123 -18.72 -8.21 -0.29
N GLN B 124 -18.02 -9.34 -0.32
CA GLN B 124 -18.59 -10.63 -0.66
C GLN B 124 -19.60 -11.03 0.39
N ASN B 125 -19.25 -10.88 1.67
CA ASN B 125 -20.21 -11.16 2.74
C ASN B 125 -21.45 -10.23 2.78
N GLU B 126 -21.22 -8.95 2.62
CA GLU B 126 -22.31 -7.98 2.64
C GLU B 126 -23.23 -8.01 1.38
N PHE B 127 -22.67 -8.30 0.23
CA PHE B 127 -23.48 -8.42 -0.95
C PHE B 127 -24.38 -9.65 -0.83
N GLN B 128 -23.87 -10.67 -0.14
CA GLN B 128 -24.66 -11.86 0.08
C GLN B 128 -25.75 -11.60 1.06
N LYS B 129 -25.39 -11.03 2.21
CA LYS B 129 -26.34 -10.76 3.30
C LYS B 129 -27.42 -9.71 3.00
N ARG B 130 -27.04 -8.63 2.35
CA ARG B 130 -27.96 -7.51 2.08
C ARG B 130 -28.83 -7.69 0.89
N PHE B 131 -28.30 -8.31 -0.17
CA PHE B 131 -29.01 -8.31 -1.44
C PHE B 131 -29.27 -9.70 -2.01
N SER B 132 -28.66 -10.73 -1.42
CA SER B 132 -28.63 -12.04 -2.07
C SER B 132 -27.88 -12.01 -3.43
N TYR B 133 -26.80 -11.22 -3.50
CA TYR B 133 -25.98 -11.11 -4.67
C TYR B 133 -24.66 -11.83 -4.45
N LYS B 134 -24.22 -12.57 -5.44
CA LYS B 134 -22.88 -13.22 -5.36
C LYS B 134 -21.88 -12.28 -6.04
N TRP B 135 -21.00 -11.71 -5.21
CA TRP B 135 -19.83 -10.98 -5.66
C TRP B 135 -18.73 -12.08 -5.83
N PHE B 136 -18.41 -12.41 -7.08
CA PHE B 136 -17.41 -13.46 -7.33
C PHE B 136 -15.93 -13.14 -6.86
N ASP B 137 -15.10 -14.19 -6.76
CA ASP B 137 -13.66 -14.00 -6.64
C ASP B 137 -13.18 -13.18 -7.83
N SER B 138 -12.05 -12.51 -7.69
CA SER B 138 -11.60 -11.58 -8.68
C SER B 138 -11.22 -12.24 -10.03
N TYR B 139 -11.31 -11.47 -11.10
CA TYR B 139 -10.75 -11.87 -12.40
C TYR B 139 -9.26 -12.05 -12.33
N GLY B 140 -8.61 -11.25 -11.48
CA GLY B 140 -7.16 -11.30 -11.18
C GLY B 140 -6.49 -9.93 -11.32
N PHE B 141 -7.27 -8.91 -11.66
CA PHE B 141 -6.72 -7.58 -11.76
C PHE B 141 -7.36 -6.55 -10.78
N ASP B 142 -6.57 -5.55 -10.42
CA ASP B 142 -6.95 -4.42 -9.55
C ASP B 142 -6.84 -3.18 -10.45
N ASN B 143 -7.96 -2.51 -10.68
CA ASN B 143 -7.94 -1.20 -11.43
C ASN B 143 -8.12 -0.06 -10.44
N THR B 144 -7.03 0.40 -9.90
CA THR B 144 -7.11 1.48 -8.91
C THR B 144 -6.96 2.90 -9.55
N TYR B 145 -7.47 3.90 -8.85
CA TYR B 145 -7.14 5.26 -9.10
C TYR B 145 -5.62 5.27 -8.91
N ALA B 146 -4.91 6.05 -9.75
CA ALA B 146 -3.44 6.11 -9.62
C ALA B 146 -3.00 7.46 -10.08
N PHE B 147 -2.29 8.19 -9.23
CA PHE B 147 -1.77 9.48 -9.64
C PHE B 147 -0.66 9.26 -10.66
N THR B 148 -0.76 9.98 -11.78
CA THR B 148 0.03 9.65 -12.94
C THR B 148 0.57 10.90 -13.59
N VAL B 149 1.86 10.82 -13.94
CA VAL B 149 2.62 11.94 -14.52
C VAL B 149 3.51 11.42 -15.64
N THR B 150 4.02 12.32 -16.46
CA THR B 150 5.06 11.95 -17.44
C THR B 150 6.33 11.55 -16.71
N LYS B 151 7.08 10.66 -17.36
CA LYS B 151 8.42 10.38 -16.91
C LYS B 151 9.29 11.66 -16.78
N LYS B 152 9.30 12.50 -17.82
CA LYS B 152 9.97 13.84 -17.83
C LYS B 152 9.61 14.75 -16.63
N PHE B 153 8.33 14.91 -16.35
CA PHE B 153 7.91 15.63 -15.13
C PHE B 153 8.44 14.98 -13.84
N ALA B 154 8.25 13.67 -13.67
CA ALA B 154 8.78 12.96 -12.49
C ALA B 154 10.27 13.18 -12.29
N GLU B 155 11.07 13.13 -13.35
CA GLU B 155 12.52 13.33 -13.25
C GLU B 155 12.86 14.80 -12.91
N LYS B 156 12.33 15.75 -13.70
CA LYS B 156 12.53 17.17 -13.47
C LYS B 156 12.08 17.59 -12.06
N GLU B 157 10.95 17.08 -11.60
CA GLU B 157 10.41 17.54 -10.34
C GLU B 157 10.81 16.71 -9.16
N HIS B 158 11.45 15.58 -9.41
CA HIS B 158 11.89 14.72 -8.32
C HIS B 158 10.70 14.17 -7.57
N ILE B 159 9.79 13.58 -8.31
CA ILE B 159 8.59 13.00 -7.74
C ILE B 159 8.55 11.49 -7.95
N ASN B 160 8.62 10.74 -6.85
CA ASN B 160 8.43 9.28 -6.86
C ASN B 160 7.10 8.91 -6.24
N THR B 161 6.62 9.72 -5.28
CA THR B 161 5.40 9.44 -4.50
C THR B 161 4.34 10.50 -4.65
N VAL B 162 3.11 10.15 -4.29
CA VAL B 162 2.04 11.12 -4.13
C VAL B 162 2.44 12.27 -3.13
N SER B 163 2.99 11.90 -1.97
CA SER B 163 3.49 12.93 -1.01
C SER B 163 4.47 13.91 -1.62
N ASP B 164 5.35 13.46 -2.53
CA ASP B 164 6.31 14.36 -3.23
C ASP B 164 5.65 15.54 -4.00
N LEU B 165 4.36 15.46 -4.27
CA LEU B 165 3.67 16.47 -5.06
C LEU B 165 3.30 17.65 -4.20
N LYS B 166 3.34 17.47 -2.88
CA LYS B 166 2.93 18.46 -1.90
C LYS B 166 3.67 19.81 -2.04
N LYS B 167 5.01 19.76 -2.08
CA LYS B 167 5.80 20.97 -2.22
C LYS B 167 5.41 21.63 -3.55
N ASN B 168 4.98 22.88 -3.47
CA ASN B 168 4.47 23.60 -4.65
C ASN B 168 3.29 22.86 -5.36
N ALA B 169 2.47 22.14 -4.60
CA ALA B 169 1.20 21.59 -5.10
C ALA B 169 0.33 22.72 -5.62
N SER B 170 0.43 23.89 -4.99
CA SER B 170 -0.38 25.02 -5.42
C SER B 170 0.04 25.51 -6.78
N GLN B 171 1.18 25.01 -7.26
CA GLN B 171 1.61 25.35 -8.63
C GLN B 171 1.27 24.28 -9.72
N TYR B 172 0.45 23.28 -9.36
CA TYR B 172 0.11 22.12 -10.23
C TYR B 172 -1.35 22.05 -10.75
N LYS B 173 -1.54 21.51 -11.97
CA LYS B 173 -2.89 21.30 -12.55
C LYS B 173 -3.19 19.83 -12.55
N LEU B 174 -4.33 19.46 -11.96
CA LEU B 174 -4.74 18.06 -11.85
C LEU B 174 -5.97 17.71 -12.70
N GLY B 175 -5.84 16.73 -13.59
CA GLY B 175 -7.02 16.13 -14.23
C GLY B 175 -7.62 14.94 -13.45
N VAL B 176 -8.94 14.88 -13.38
CA VAL B 176 -9.68 13.78 -12.73
C VAL B 176 -11.06 13.62 -13.32
N ASP B 177 -11.65 12.44 -13.15
CA ASP B 177 -13.02 12.16 -13.59
C ASP B 177 -14.03 12.89 -12.70
N ASN B 178 -15.24 13.04 -13.17
CA ASN B 178 -16.23 13.86 -12.47
C ASN B 178 -16.64 13.31 -11.16
N ALA B 179 -16.82 12.00 -11.15
CA ALA B 179 -17.35 11.37 -10.00
C ALA B 179 -16.38 11.47 -8.84
N TRP B 180 -15.09 11.38 -9.08
CA TRP B 180 -14.16 11.34 -7.95
C TRP B 180 -14.15 12.54 -6.96
N LEU B 181 -14.34 13.74 -7.47
CA LEU B 181 -14.41 14.92 -6.61
C LEU B 181 -15.45 14.81 -5.46
N LYS B 182 -16.63 14.29 -5.79
CA LYS B 182 -17.77 14.23 -4.86
C LYS B 182 -17.88 12.90 -4.07
N ARG B 183 -17.02 11.92 -4.37
CA ARG B 183 -17.02 10.63 -3.68
C ARG B 183 -16.66 10.72 -2.20
N LYS B 184 -17.44 10.03 -1.37
CA LYS B 184 -17.17 9.91 0.06
C LYS B 184 -16.23 8.74 0.25
N GLY B 185 -15.32 8.84 1.22
CA GLY B 185 -14.44 7.72 1.57
C GLY B 185 -13.13 7.61 0.79
N ASP B 186 -13.23 7.55 -0.54
CA ASP B 186 -12.09 7.31 -1.42
C ASP B 186 -11.98 8.40 -2.49
N GLY B 187 -12.54 9.57 -2.20
CA GLY B 187 -12.55 10.67 -3.13
C GLY B 187 -11.75 11.86 -2.64
N TYR B 188 -11.92 12.99 -3.34
CA TYR B 188 -11.14 14.18 -3.09
C TYR B 188 -11.04 14.58 -1.63
N LYS B 189 -12.17 14.59 -0.92
CA LYS B 189 -12.21 15.04 0.46
C LYS B 189 -11.35 14.15 1.34
N GLY B 190 -11.45 12.84 1.11
CA GLY B 190 -10.59 11.89 1.80
C GLY B 190 -9.11 12.13 1.47
N PHE B 191 -8.82 12.32 0.18
CA PHE B 191 -7.45 12.59 -0.27
C PHE B 191 -6.80 13.78 0.44
N VAL B 192 -7.48 14.92 0.39
CA VAL B 192 -7.02 16.16 1.01
C VAL B 192 -6.83 15.99 2.52
N SER B 193 -7.75 15.29 3.15
CA SER B 193 -7.64 15.01 4.57
C SER B 193 -6.42 14.10 4.86
N THR B 194 -6.19 13.09 4.02
CA THR B 194 -5.07 12.14 4.23
C THR B 194 -3.70 12.73 3.87
N TYR B 195 -3.58 13.30 2.67
CA TYR B 195 -2.29 13.86 2.21
C TYR B 195 -1.90 15.25 2.74
N GLY B 196 -2.87 16.02 3.22
CA GLY B 196 -2.60 17.31 3.86
C GLY B 196 -2.40 18.49 2.90
N PHE B 197 -2.83 18.30 1.63
CA PHE B 197 -2.72 19.36 0.64
C PHE B 197 -3.75 19.21 -0.49
N GLU B 198 -4.01 20.31 -1.19
CA GLU B 198 -4.84 20.23 -2.38
C GLU B 198 -4.14 20.90 -3.56
N PHE B 199 -4.52 20.49 -4.77
CA PHE B 199 -3.91 21.02 -6.00
C PHE B 199 -4.32 22.44 -6.31
N GLY B 200 -3.48 23.14 -7.06
CA GLY B 200 -3.74 24.53 -7.46
C GLY B 200 -5.15 24.67 -7.98
N THR B 201 -5.39 24.03 -9.11
CA THR B 201 -6.74 23.90 -9.67
C THR B 201 -6.92 22.49 -10.14
N THR B 202 -8.09 21.94 -9.84
CA THR B 202 -8.46 20.63 -10.33
C THR B 202 -9.43 20.80 -11.49
N TYR B 203 -9.21 20.05 -12.57
CA TYR B 203 -10.11 20.08 -13.74
C TYR B 203 -10.84 18.77 -13.96
N PRO B 204 -12.14 18.73 -13.62
CA PRO B 204 -12.87 17.50 -13.90
C PRO B 204 -13.03 17.29 -15.41
N MET B 205 -13.06 16.02 -15.81
CA MET B 205 -13.28 15.61 -17.22
C MET B 205 -13.72 14.13 -17.24
N GLN B 206 -14.07 13.63 -18.41
CA GLN B 206 -14.26 12.21 -18.61
C GLN B 206 -12.92 11.56 -18.41
N ILE B 207 -12.93 10.34 -17.87
CA ILE B 207 -11.67 9.63 -17.54
C ILE B 207 -10.86 9.34 -18.79
N GLY B 208 -11.52 9.14 -19.93
CA GLY B 208 -10.82 8.81 -21.19
C GLY B 208 -9.93 9.92 -21.73
N LEU B 209 -10.19 11.15 -21.28
CA LEU B 209 -9.43 12.29 -21.69
C LEU B 209 -8.16 12.48 -20.86
N VAL B 210 -8.18 12.09 -19.59
CA VAL B 210 -7.02 12.37 -18.73
C VAL B 210 -5.66 11.98 -19.30
N TYR B 211 -5.63 10.95 -20.15
CA TYR B 211 -4.35 10.38 -20.63
C TYR B 211 -3.63 11.30 -21.65
N ASP B 212 -4.32 11.74 -22.71
CA ASP B 212 -3.74 12.72 -23.63
C ASP B 212 -3.40 14.02 -22.89
N ALA B 213 -4.26 14.38 -21.94
CA ALA B 213 -4.15 15.63 -21.19
C ALA B 213 -2.89 15.73 -20.29
N VAL B 214 -2.41 14.61 -19.77
CA VAL B 214 -1.18 14.62 -18.99
C VAL B 214 0.05 14.54 -19.94
N LYS B 215 -0.10 13.71 -20.98
CA LYS B 215 0.91 13.57 -21.99
C LYS B 215 1.24 14.92 -22.67
N ASN B 216 0.20 15.69 -23.02
CA ASN B 216 0.32 16.94 -23.76
C ASN B 216 0.56 18.19 -22.90
N GLY B 217 0.89 18.00 -21.64
CA GLY B 217 1.27 19.10 -20.76
C GLY B 217 0.18 20.01 -20.22
N LYS B 218 -1.07 19.79 -20.63
CA LYS B 218 -2.17 20.62 -20.13
C LYS B 218 -2.32 20.35 -18.65
N MET B 219 -2.19 19.08 -18.26
CA MET B 219 -2.25 18.71 -16.85
C MET B 219 -0.86 18.31 -16.37
N ASP B 220 -0.47 18.80 -15.20
CA ASP B 220 0.80 18.35 -14.61
C ASP B 220 0.68 16.93 -14.00
N ALA B 221 -0.47 16.67 -13.39
CA ALA B 221 -0.83 15.32 -12.95
C ALA B 221 -2.27 14.95 -13.32
N VAL B 222 -2.55 13.65 -13.42
CA VAL B 222 -3.92 13.20 -13.52
C VAL B 222 -4.15 12.02 -12.58
N LEU B 223 -5.42 11.82 -12.22
CA LEU B 223 -5.84 10.61 -11.53
C LEU B 223 -6.33 9.56 -12.53
N ALA B 224 -5.39 8.79 -13.08
CA ALA B 224 -5.69 7.74 -14.02
C ALA B 224 -6.24 6.45 -13.37
N TYR B 225 -6.69 5.54 -14.23
CA TYR B 225 -7.07 4.20 -13.83
C TYR B 225 -5.88 3.28 -14.18
N SER B 226 -5.47 2.48 -13.19
CA SER B 226 -4.24 1.71 -13.28
C SER B 226 -4.20 0.67 -14.38
N THR B 227 -5.36 0.15 -14.79
CA THR B 227 -5.36 -0.81 -15.94
C THR B 227 -5.42 -0.15 -17.37
N ASP B 228 -5.47 1.17 -17.47
CA ASP B 228 -5.48 1.75 -18.83
C ASP B 228 -4.17 1.50 -19.59
N GLY B 229 -4.29 0.96 -20.80
CA GLY B 229 -3.12 0.66 -21.62
C GLY B 229 -2.34 1.88 -22.06
N ARG B 230 -2.94 3.07 -22.05
CA ARG B 230 -2.24 4.28 -22.50
C ARG B 230 -1.19 4.76 -21.46
N ILE B 231 -1.19 4.09 -20.30
CA ILE B 231 -0.19 4.34 -19.27
C ILE B 231 1.18 3.82 -19.71
N LYS B 232 1.24 2.56 -20.14
CA LYS B 232 2.45 1.95 -20.72
C LYS B 232 2.79 2.56 -22.07
N ALA B 233 1.75 2.84 -22.87
CA ALA B 233 1.89 3.34 -24.24
C ALA B 233 2.39 4.78 -24.31
N TYR B 234 1.83 5.66 -23.50
CA TYR B 234 2.33 7.05 -23.44
C TYR B 234 3.54 7.10 -22.50
N ASP B 235 3.99 5.90 -22.11
CA ASP B 235 5.17 5.65 -21.24
C ASP B 235 5.14 6.52 -19.96
N LEU B 236 3.97 6.62 -19.33
CA LEU B 236 3.79 7.48 -18.14
C LEU B 236 4.26 6.86 -16.82
N LYS B 237 4.24 7.65 -15.74
CA LYS B 237 4.61 7.15 -14.41
C LYS B 237 3.48 7.15 -13.41
N ILE B 238 3.18 5.96 -12.88
CA ILE B 238 2.36 5.81 -11.69
C ILE B 238 3.15 6.16 -10.45
N LEU B 239 2.64 7.11 -9.67
CA LEU B 239 3.24 7.48 -8.38
C LEU B 239 2.69 6.63 -7.24
N LYS B 240 3.55 6.24 -6.33
CA LYS B 240 3.24 5.46 -5.16
C LYS B 240 2.30 6.19 -4.21
N ASP B 241 1.23 5.49 -3.82
CA ASP B 241 0.34 5.99 -2.78
C ASP B 241 0.97 5.62 -1.45
N ASP B 242 2.00 6.40 -1.10
CA ASP B 242 2.87 6.13 0.05
C ASP B 242 2.16 6.12 1.39
N LYS B 243 1.04 6.83 1.44
CA LYS B 243 0.16 6.90 2.58
C LYS B 243 -0.97 5.90 2.54
N ARG B 244 -1.06 5.15 1.45
CA ARG B 244 -2.04 4.08 1.30
C ARG B 244 -3.50 4.65 1.45
N PHE B 245 -3.75 5.79 0.80
CA PHE B 245 -5.04 6.41 0.91
C PHE B 245 -6.18 5.54 0.30
N PHE B 246 -5.92 5.00 -0.92
CA PHE B 246 -6.93 4.28 -1.67
C PHE B 246 -7.09 2.84 -1.19
N PRO B 247 -8.31 2.32 -1.20
CA PRO B 247 -8.51 0.91 -0.86
C PRO B 247 -8.15 0.12 -2.06
N PRO B 248 -8.18 -1.22 -1.93
CA PRO B 248 -8.02 -2.06 -3.09
C PRO B 248 -9.15 -1.80 -4.08
N TYR B 249 -8.95 -2.16 -5.33
CA TYR B 249 -9.95 -2.07 -6.37
C TYR B 249 -10.01 -3.35 -7.24
N ASP B 250 -9.92 -4.52 -6.61
CA ASP B 250 -9.98 -5.78 -7.31
C ASP B 250 -11.27 -5.96 -8.07
N CYS B 251 -11.20 -6.50 -9.28
CA CYS B 251 -12.39 -6.53 -10.14
C CYS B 251 -13.00 -7.91 -10.26
N SER B 252 -14.33 -7.98 -10.13
CA SER B 252 -15.10 -9.21 -10.06
C SER B 252 -16.42 -9.00 -10.79
N PRO B 253 -17.02 -10.09 -11.28
CA PRO B 253 -18.41 -9.98 -11.71
C PRO B 253 -19.36 -10.16 -10.51
N VAL B 254 -20.54 -9.56 -10.61
CA VAL B 254 -21.59 -9.72 -9.61
C VAL B 254 -22.87 -10.25 -10.29
N ILE B 255 -23.50 -11.25 -9.68
CA ILE B 255 -24.70 -11.84 -10.20
C ILE B 255 -25.65 -12.21 -9.02
N PRO B 256 -26.97 -11.89 -9.14
CA PRO B 256 -27.88 -12.37 -8.09
C PRO B 256 -27.89 -13.90 -7.91
N GLU B 257 -28.02 -14.39 -6.68
CA GLU B 257 -28.17 -15.84 -6.44
C GLU B 257 -29.45 -16.43 -7.09
N LYS B 258 -30.46 -15.56 -7.27
CA LYS B 258 -31.68 -15.84 -8.03
C LYS B 258 -31.37 -16.23 -9.48
N VAL B 259 -30.63 -15.40 -10.19
CA VAL B 259 -30.27 -15.65 -11.57
C VAL B 259 -29.44 -16.93 -11.70
N LEU B 260 -28.53 -17.17 -10.77
CA LEU B 260 -27.75 -18.42 -10.77
C LEU B 260 -28.59 -19.69 -10.52
N LYS B 261 -29.59 -19.58 -9.63
CA LYS B 261 -30.43 -20.73 -9.28
C LYS B 261 -31.38 -21.02 -10.44
N GLU B 262 -31.83 -19.97 -11.10
CA GLU B 262 -32.63 -20.10 -12.32
C GLU B 262 -31.84 -20.76 -13.47
N HIS B 263 -30.52 -20.47 -13.58
CA HIS B 263 -29.70 -21.10 -14.60
C HIS B 263 -28.47 -21.76 -14.05
N PRO B 264 -28.58 -23.04 -13.66
CA PRO B 264 -27.57 -23.77 -12.87
C PRO B 264 -26.20 -23.90 -13.52
N GLU B 265 -26.14 -23.59 -14.79
CA GLU B 265 -24.93 -23.82 -15.57
C GLU B 265 -24.18 -22.50 -15.74
N LEU B 266 -24.77 -21.40 -15.27
CA LEU B 266 -24.19 -20.07 -15.44
C LEU B 266 -22.90 -19.84 -14.63
N GLU B 267 -22.89 -20.30 -13.39
CA GLU B 267 -21.72 -20.24 -12.55
C GLU B 267 -20.49 -20.90 -13.18
N GLY B 268 -20.67 -22.12 -13.68
CA GLY B 268 -19.62 -22.86 -14.39
C GLY B 268 -18.95 -21.97 -15.43
N VAL B 269 -19.78 -21.30 -16.23
CA VAL B 269 -19.31 -20.41 -17.27
C VAL B 269 -18.49 -19.26 -16.70
N ILE B 270 -19.06 -18.54 -15.70
CA ILE B 270 -18.38 -17.46 -15.00
C ILE B 270 -17.07 -17.92 -14.35
N ASN B 271 -17.08 -19.10 -13.70
CA ASN B 271 -15.86 -19.65 -13.10
C ASN B 271 -14.67 -19.72 -14.06
N LYS B 272 -14.92 -19.70 -15.36
CA LYS B 272 -13.87 -19.87 -16.34
C LYS B 272 -12.97 -18.65 -16.46
N LEU B 273 -13.48 -17.48 -16.05
CA LEU B 273 -12.71 -16.24 -16.18
C LEU B 273 -12.15 -15.82 -14.84
N ILE B 274 -12.58 -16.50 -13.79
CA ILE B 274 -12.09 -16.16 -12.48
C ILE B 274 -10.63 -16.51 -12.38
N GLY B 275 -9.78 -15.50 -12.11
CA GLY B 275 -8.36 -15.67 -11.86
C GLY B 275 -7.63 -15.77 -13.18
N GLN B 276 -8.22 -15.30 -14.29
CA GLN B 276 -7.63 -15.54 -15.61
C GLN B 276 -7.15 -14.32 -16.28
N ILE B 277 -7.47 -13.16 -15.68
CA ILE B 277 -7.01 -11.89 -16.23
C ILE B 277 -6.20 -11.09 -15.21
N ASP B 278 -4.89 -11.01 -15.41
CA ASP B 278 -4.02 -10.19 -14.55
C ASP B 278 -3.96 -8.78 -15.12
N THR B 279 -3.35 -7.84 -14.41
CA THR B 279 -3.39 -6.42 -14.76
C THR B 279 -2.68 -6.18 -16.09
N GLU B 280 -1.51 -6.80 -16.24
CA GLU B 280 -0.75 -6.73 -17.49
C GLU B 280 -1.63 -7.11 -18.73
N THR B 281 -2.34 -8.23 -18.65
CA THR B 281 -3.30 -8.61 -19.68
C THR B 281 -4.41 -7.57 -19.89
N MET B 282 -5.09 -7.20 -18.81
CA MET B 282 -6.17 -6.24 -18.94
C MET B 282 -5.69 -4.92 -19.61
N GLN B 283 -4.45 -4.54 -19.36
CA GLN B 283 -3.87 -3.31 -19.90
C GLN B 283 -3.70 -3.41 -21.41
N GLU B 284 -3.28 -4.59 -21.88
CA GLU B 284 -3.16 -4.92 -23.30
C GLU B 284 -4.51 -4.95 -24.01
N LEU B 285 -5.50 -5.59 -23.39
CA LEU B 285 -6.83 -5.68 -24.00
C LEU B 285 -7.44 -4.29 -24.11
N ASN B 286 -7.31 -3.49 -23.05
CA ASN B 286 -7.79 -2.11 -23.07
C ASN B 286 -7.19 -1.29 -24.23
N TYR B 287 -5.91 -1.51 -24.50
CA TYR B 287 -5.21 -0.76 -25.54
C TYR B 287 -5.64 -1.17 -26.97
N GLU B 288 -5.99 -2.43 -27.15
CA GLU B 288 -6.57 -2.93 -28.38
C GLU B 288 -7.73 -2.06 -28.81
N VAL B 289 -8.57 -1.68 -27.86
CA VAL B 289 -9.71 -0.79 -28.16
C VAL B 289 -9.34 0.70 -28.14
N ASP B 290 -8.62 1.11 -27.11
CA ASP B 290 -8.29 2.51 -26.92
C ASP B 290 -7.27 3.08 -27.89
N GLY B 291 -6.26 2.31 -28.23
CA GLY B 291 -5.23 2.81 -29.09
C GLY B 291 -5.36 2.25 -30.46
N LYS B 292 -5.67 0.97 -30.52
CA LYS B 292 -5.85 0.28 -31.80
C LYS B 292 -7.26 0.43 -32.40
N LEU B 293 -8.21 0.92 -31.63
CA LEU B 293 -9.53 1.22 -32.20
C LEU B 293 -10.29 -0.02 -32.62
N LYS B 294 -9.80 -1.18 -32.22
CA LYS B 294 -10.57 -2.42 -32.32
C LYS B 294 -11.87 -2.33 -31.51
N GLU B 295 -12.77 -3.27 -31.77
CA GLU B 295 -14.07 -3.35 -31.10
C GLU B 295 -14.02 -4.30 -29.88
N PRO B 296 -14.69 -3.91 -28.78
CA PRO B 296 -14.71 -4.71 -27.56
C PRO B 296 -15.08 -6.17 -27.82
N SER B 297 -16.14 -6.40 -28.60
CA SER B 297 -16.53 -7.77 -29.00
C SER B 297 -15.39 -8.51 -29.72
N VAL B 298 -14.66 -7.81 -30.57
CA VAL B 298 -13.57 -8.39 -31.35
C VAL B 298 -12.41 -8.78 -30.41
N VAL B 299 -11.98 -7.81 -29.61
CA VAL B 299 -10.94 -8.00 -28.59
C VAL B 299 -11.31 -9.17 -27.65
N ALA B 300 -12.58 -9.21 -27.22
CA ALA B 300 -13.07 -10.30 -26.38
C ALA B 300 -13.04 -11.67 -27.09
N LYS B 301 -13.49 -11.71 -28.35
CA LYS B 301 -13.37 -12.92 -29.18
C LYS B 301 -11.93 -13.46 -29.24
N GLU B 302 -10.98 -12.57 -29.58
CA GLU B 302 -9.59 -13.03 -29.80
C GLU B 302 -9.00 -13.51 -28.49
N PHE B 303 -9.36 -12.87 -27.38
CA PHE B 303 -8.86 -13.31 -26.11
C PHE B 303 -9.29 -14.77 -25.87
N LEU B 304 -10.58 -15.00 -26.00
CA LEU B 304 -11.14 -16.33 -25.82
C LEU B 304 -10.54 -17.36 -26.77
N GLU B 305 -10.32 -16.94 -28.01
CA GLU B 305 -9.70 -17.81 -29.02
C GLU B 305 -8.34 -18.31 -28.52
N LYS B 306 -7.49 -17.37 -28.11
CA LYS B 306 -6.19 -17.66 -27.50
C LYS B 306 -6.30 -18.70 -26.37
N HIS B 307 -7.41 -18.64 -25.62
CA HIS B 307 -7.54 -19.51 -24.47
C HIS B 307 -8.45 -20.70 -24.68
N HIS B 308 -8.92 -20.84 -25.91
CA HIS B 308 -9.78 -21.97 -26.29
C HIS B 308 -11.05 -22.01 -25.45
N TYR B 309 -11.50 -20.81 -25.04
CA TYR B 309 -12.73 -20.67 -24.30
C TYR B 309 -12.59 -21.43 -23.00
N PHE B 310 -11.36 -21.64 -22.54
CA PHE B 310 -11.16 -22.33 -21.28
C PHE B 310 -11.94 -23.61 -21.44
N ASP B 311 -11.89 -24.16 -22.64
CA ASP B 311 -12.77 -25.31 -23.05
C ASP B 311 -14.26 -24.99 -23.23
N BET C . 11.07 -2.81 11.75
CA BET C . 11.56 -3.98 12.44
C BET C . 11.55 -4.09 13.97
O BET C . 12.28 -4.80 14.60
OXT BET C . 10.65 -3.38 14.50
C1 BET C . 11.39 -2.94 10.30
C2 BET C . 11.69 -1.60 12.24
C3 BET C . 9.64 -2.74 11.88
N BET D . -12.24 2.57 -10.69
CA BET D . -13.39 3.38 -10.77
C BET D . -14.82 2.79 -10.62
O BET D . -15.81 3.30 -11.21
OXT BET D . -14.83 1.78 -9.80
C1 BET D . -12.19 1.43 -11.65
C2 BET D . -12.13 1.99 -9.35
C3 BET D . -11.10 3.45 -10.94
#